data_1ZK8
#
_entry.id   1ZK8
#
_cell.length_a   39.268
_cell.length_b   95.640
_cell.length_c   45.986
_cell.angle_alpha   90.00
_cell.angle_beta   97.89
_cell.angle_gamma   90.00
#
_symmetry.space_group_name_H-M   'P 1 21 1'
#
loop_
_entity.id
_entity.type
_entity.pdbx_description
1 polymer 'Transcriptional regulator, TetR family'
2 water water
#
_entity_poly.entity_id   1
_entity_poly.type   'polypeptide(L)'
_entity_poly.pdbx_seq_one_letter_code
;(MSE)(MSE)SPRIGLTLQKIVETAAEIADANGVQEVTLASLAQTLGVRSPSLYNHVKGLQDVRKNLGIYGIKKLHNRLE
EAAEDKR(MSE)DEAIHALGEAYVAFVRKHPGLYEATFLRDEEVRKAGDGIVKLCLQVLQQYGLEGENALHATRGFRSIC
HGFASIEQQGGFGLPLDLDISLHVLLETFIKGLRE
;
_entity_poly.pdbx_strand_id   A,B
#
# COMPACT_ATOMS: atom_id res chain seq x y z
N ILE A 6 37.66 -3.07 9.76
CA ILE A 6 36.59 -2.47 8.89
C ILE A 6 36.64 -0.93 8.89
N GLY A 7 37.38 -0.36 7.94
CA GLY A 7 37.33 1.08 7.69
C GLY A 7 35.95 1.46 7.17
N LEU A 8 35.47 2.65 7.51
CA LEU A 8 34.15 3.14 7.09
C LEU A 8 34.00 3.25 5.55
N THR A 9 32.84 2.83 5.04
CA THR A 9 32.56 2.87 3.60
C THR A 9 31.11 3.27 3.38
N LEU A 10 30.79 3.60 2.14
CA LEU A 10 29.42 3.80 1.69
C LEU A 10 28.55 2.59 1.98
N GLN A 11 29.01 1.39 1.62
CA GLN A 11 28.20 0.18 1.83
C GLN A 11 27.86 -0.10 3.30
N LYS A 12 28.80 0.19 4.21
CA LYS A 12 28.54 0.00 5.65
C LYS A 12 27.51 1.03 6.14
N ILE A 13 27.64 2.27 5.66
CA ILE A 13 26.70 3.34 5.98
C ILE A 13 25.30 2.92 5.55
N VAL A 14 25.20 2.37 4.33
CA VAL A 14 23.92 1.89 3.78
C VAL A 14 23.33 0.72 4.59
N GLU A 15 24.15 -0.27 4.93
CA GLU A 15 23.73 -1.41 5.76
C GLU A 15 23.25 -0.97 7.16
N THR A 16 23.93 0.01 7.75
CA THR A 16 23.52 0.64 9.02
C THR A 16 22.14 1.33 8.86
N ALA A 17 21.99 2.15 7.82
CA ALA A 17 20.72 2.78 7.48
C ALA A 17 19.58 1.74 7.37
N ALA A 18 19.86 0.62 6.70
CA ALA A 18 18.90 -0.50 6.57
C ALA A 18 18.41 -1.05 7.91
N GLU A 19 19.33 -1.29 8.83
CA GLU A 19 19.00 -1.84 10.14
C GLU A 19 18.17 -0.85 10.96
N ILE A 20 18.55 0.43 10.89
CA ILE A 20 17.81 1.50 11.53
C ILE A 20 16.39 1.56 10.96
N ALA A 21 16.29 1.57 9.62
CA ALA A 21 14.99 1.66 8.94
C ALA A 21 14.06 0.51 9.31
N ASP A 22 14.60 -0.72 9.31
CA ASP A 22 13.84 -1.92 9.62
C ASP A 22 13.36 -1.92 11.05
N ALA A 23 14.17 -1.35 11.95
CA ALA A 23 13.87 -1.32 13.37
C ALA A 23 12.89 -0.21 13.67
N ASN A 24 13.21 0.98 13.20
CA ASN A 24 12.53 2.19 13.65
C ASN A 24 11.76 2.93 12.56
N GLY A 25 11.89 2.49 11.31
CA GLY A 25 11.25 3.18 10.17
C GLY A 25 12.25 4.03 9.42
N VAL A 26 12.03 4.22 8.12
CA VAL A 26 12.92 5.03 7.28
C VAL A 26 13.09 6.47 7.81
N GLN A 27 12.07 6.97 8.50
CA GLN A 27 12.07 8.32 9.06
C GLN A 27 13.09 8.50 10.16
N GLU A 28 13.50 7.39 10.75
CA GLU A 28 14.47 7.39 11.83
C GLU A 28 15.90 7.43 11.29
N VAL A 29 16.04 7.24 9.98
CA VAL A 29 17.32 7.36 9.30
C VAL A 29 17.65 8.84 9.08
N THR A 30 18.64 9.32 9.83
CA THR A 30 19.16 10.67 9.68
C THR A 30 20.69 10.60 9.77
N LEU A 31 21.36 11.66 9.32
CA LEU A 31 22.79 11.77 9.52
C LEU A 31 23.19 11.61 11.00
N ALA A 32 22.39 12.19 11.91
CA ALA A 32 22.62 12.11 13.37
C ALA A 32 22.45 10.71 13.96
N SER A 33 21.40 10.00 13.56
CA SER A 33 21.20 8.60 13.98
C SER A 33 22.27 7.70 13.37
N LEU A 34 22.65 7.95 12.11
CA LEU A 34 23.72 7.17 11.47
C LEU A 34 25.03 7.34 12.22
N ALA A 35 25.42 8.59 12.43
CA ALA A 35 26.64 8.95 13.15
C ALA A 35 26.70 8.34 14.55
N GLN A 36 25.58 8.37 15.27
CA GLN A 36 25.52 7.89 16.64
C GLN A 36 25.54 6.36 16.77
N THR A 37 24.93 5.66 15.82
CA THR A 37 24.99 4.17 15.84
C THR A 37 26.35 3.64 15.38
N LEU A 38 26.98 4.34 14.43
CA LEU A 38 28.32 3.97 13.95
C LEU A 38 29.44 4.35 14.93
N GLY A 39 29.10 5.19 15.92
CA GLY A 39 30.04 5.65 16.95
C GLY A 39 31.13 6.50 16.35
N VAL A 40 30.76 7.25 15.32
CA VAL A 40 31.69 8.06 14.54
C VAL A 40 31.02 9.43 14.49
N ARG A 41 31.67 10.45 13.92
CA ARG A 41 30.93 11.69 13.76
C ARG A 41 30.75 12.23 12.34
N SER A 42 29.91 13.25 12.27
CA SER A 42 29.19 13.66 11.09
C SER A 42 29.98 14.15 9.87
N PRO A 43 31.19 14.71 10.07
CA PRO A 43 32.00 14.98 8.88
C PRO A 43 32.61 13.71 8.29
N SER A 44 32.73 12.67 9.09
CA SER A 44 33.25 11.38 8.61
C SER A 44 32.32 10.72 7.58
N LEU A 45 31.02 10.93 7.75
CA LEU A 45 30.03 10.40 6.82
C LEU A 45 30.13 11.08 5.46
N TYR A 46 30.51 12.36 5.46
CA TYR A 46 30.63 13.15 4.24
C TYR A 46 31.76 12.75 3.29
N ASN A 47 32.68 11.93 3.78
CA ASN A 47 33.70 11.36 2.92
C ASN A 47 33.12 10.31 1.97
N HIS A 48 31.93 9.81 2.34
CA HIS A 48 31.29 8.71 1.61
C HIS A 48 29.92 9.06 1.03
N VAL A 49 29.21 9.99 1.68
CA VAL A 49 27.90 10.42 1.20
C VAL A 49 27.78 11.93 1.12
N LYS A 50 27.00 12.37 0.13
CA LYS A 50 26.75 13.79 -0.10
C LYS A 50 25.88 14.38 1.00
N GLY A 51 25.05 13.55 1.62
CA GLY A 51 24.08 13.99 2.62
C GLY A 51 22.95 12.97 2.69
N LEU A 52 21.85 13.34 3.35
CA LEU A 52 20.79 12.39 3.66
C LEU A 52 20.02 11.91 2.41
N GLN A 53 19.75 12.82 1.48
CA GLN A 53 19.12 12.42 0.23
C GLN A 53 19.97 11.34 -0.45
N ASP A 54 21.29 11.53 -0.42
CA ASP A 54 22.23 10.56 -0.98
C ASP A 54 22.15 9.21 -0.21
N VAL A 55 22.07 9.28 1.13
CA VAL A 55 21.84 8.07 1.95
C VAL A 55 20.52 7.39 1.53
N ARG A 56 19.44 8.17 1.51
CA ARG A 56 18.12 7.64 1.11
C ARG A 56 18.13 6.98 -0.28
N LYS A 57 18.76 7.63 -1.24
CA LYS A 57 18.90 7.07 -2.59
C LYS A 57 19.65 5.74 -2.58
N ASN A 58 20.80 5.69 -1.92
CA ASN A 58 21.58 4.46 -1.88
C ASN A 58 20.87 3.32 -1.10
N LEU A 59 20.12 3.72 -0.09
CA LEU A 59 19.28 2.79 0.66
C LEU A 59 18.15 2.20 -0.18
N GLY A 60 17.46 3.05 -0.95
CA GLY A 60 16.46 2.61 -1.91
C GLY A 60 16.98 1.64 -2.94
N ILE A 61 18.16 1.92 -3.51
CA ILE A 61 18.82 1.02 -4.46
C ILE A 61 19.15 -0.32 -3.82
N TYR A 62 19.75 -0.27 -2.63
CA TYR A 62 20.10 -1.47 -1.87
C TYR A 62 18.86 -2.35 -1.57
N GLY A 63 17.77 -1.72 -1.18
CA GLY A 63 16.56 -2.45 -0.85
C GLY A 63 15.91 -3.10 -2.06
N ILE A 64 15.90 -2.37 -3.16
CA ILE A 64 15.39 -2.85 -4.43
C ILE A 64 16.23 -4.02 -4.94
N LYS A 65 17.56 -3.89 -4.81
CA LYS A 65 18.45 -4.96 -5.21
C LYS A 65 18.27 -6.20 -4.35
N LYS A 66 18.11 -6.00 -3.05
CA LYS A 66 17.84 -7.11 -2.14
C LYS A 66 16.49 -7.78 -2.48
N LEU A 67 15.45 -7.00 -2.74
CA LEU A 67 14.15 -7.58 -3.13
C LEU A 67 14.26 -8.35 -4.44
N HIS A 68 14.87 -7.72 -5.46
CA HIS A 68 15.11 -8.36 -6.75
C HIS A 68 15.78 -9.73 -6.63
N ASN A 69 16.86 -9.82 -5.86
CA ASN A 69 17.57 -11.08 -5.57
C ASN A 69 16.67 -12.19 -5.02
N ARG A 70 15.86 -11.90 -3.99
CA ARG A 70 14.90 -12.85 -3.41
C ARG A 70 13.90 -13.33 -4.46
N LEU A 71 13.48 -12.42 -5.33
CA LEU A 71 12.53 -12.76 -6.38
C LEU A 71 13.19 -13.59 -7.49
N GLU A 72 14.41 -13.22 -7.90
CA GLU A 72 15.12 -14.00 -8.92
C GLU A 72 15.33 -15.42 -8.44
N GLU A 73 15.81 -15.59 -7.21
CA GLU A 73 16.01 -16.91 -6.60
C GLU A 73 14.73 -17.73 -6.54
N ALA A 74 13.62 -17.11 -6.09
CA ALA A 74 12.31 -17.76 -6.01
C ALA A 74 11.80 -18.31 -7.35
N ALA A 75 12.03 -17.56 -8.41
CA ALA A 75 11.50 -17.91 -9.72
C ALA A 75 12.39 -18.89 -10.51
N GLU A 76 13.63 -19.11 -10.05
CA GLU A 76 14.61 -19.91 -10.80
C GLU A 76 14.09 -21.31 -11.12
N ASP A 77 14.14 -21.65 -12.41
CA ASP A 77 13.66 -22.94 -12.94
C ASP A 77 12.18 -23.22 -12.67
N LYS A 78 11.42 -22.15 -12.50
CA LYS A 78 9.98 -22.25 -12.39
C LYS A 78 9.37 -21.48 -13.55
N ARG A 79 8.25 -21.96 -14.05
CA ARG A 79 7.52 -21.26 -15.07
C ARG A 79 6.05 -21.07 -14.69
N MSE A 80 5.41 -20.11 -15.34
CA MSE A 80 3.96 -19.95 -15.25
C MSE A 80 3.47 -19.89 -13.79
O MSE A 80 3.96 -19.06 -13.01
CB MSE A 80 3.25 -21.01 -16.11
CG MSE A 80 3.62 -20.93 -17.62
SE MSE A 80 2.42 -21.68 -18.77
CE MSE A 80 2.15 -23.30 -18.03
N ASP A 81 2.54 -20.78 -13.41
CA ASP A 81 1.91 -20.78 -12.09
C ASP A 81 2.87 -20.97 -10.93
N GLU A 82 3.80 -21.90 -11.08
CA GLU A 82 4.83 -22.12 -10.08
C GLU A 82 5.67 -20.86 -9.81
N ALA A 83 6.06 -20.17 -10.88
CA ALA A 83 6.81 -18.93 -10.82
C ALA A 83 5.97 -17.81 -10.19
N ILE A 84 4.73 -17.62 -10.65
CA ILE A 84 3.86 -16.59 -10.10
C ILE A 84 3.67 -16.76 -8.57
N HIS A 85 3.41 -17.98 -8.12
CA HIS A 85 3.23 -18.24 -6.70
C HIS A 85 4.49 -18.05 -5.86
N ALA A 86 5.61 -18.52 -6.38
CA ALA A 86 6.90 -18.32 -5.74
C ALA A 86 7.27 -16.85 -5.72
N LEU A 87 7.01 -16.12 -6.82
CA LEU A 87 7.32 -14.68 -6.85
C LEU A 87 6.51 -13.89 -5.80
N GLY A 88 5.20 -14.11 -5.79
CA GLY A 88 4.31 -13.40 -4.87
C GLY A 88 4.67 -13.69 -3.42
N GLU A 89 4.91 -14.97 -3.10
CA GLU A 89 5.29 -15.36 -1.75
C GLU A 89 6.57 -14.65 -1.32
N ALA A 90 7.59 -14.67 -2.19
CA ALA A 90 8.89 -14.03 -1.93
C ALA A 90 8.75 -12.52 -1.73
N TYR A 91 7.90 -11.88 -2.51
CA TYR A 91 7.64 -10.45 -2.38
C TYR A 91 7.10 -10.12 -0.99
N VAL A 92 6.00 -10.76 -0.63
CA VAL A 92 5.40 -10.53 0.67
C VAL A 92 6.32 -10.91 1.84
N ALA A 93 7.03 -12.03 1.73
CA ALA A 93 8.02 -12.42 2.74
C ALA A 93 9.12 -11.37 2.96
N PHE A 94 9.54 -10.71 1.89
CA PHE A 94 10.51 -9.64 1.98
C PHE A 94 9.96 -8.47 2.78
N VAL A 95 8.72 -8.09 2.49
CA VAL A 95 8.06 -7.02 3.20
C VAL A 95 7.92 -7.36 4.69
N ARG A 96 7.55 -8.60 5.01
CA ARG A 96 7.44 -9.05 6.41
C ARG A 96 8.77 -8.92 7.16
N LYS A 97 9.86 -9.25 6.45
CA LYS A 97 11.16 -9.30 7.07
C LYS A 97 11.85 -7.94 7.05
N HIS A 98 11.62 -7.17 5.99
CA HIS A 98 12.27 -5.87 5.83
C HIS A 98 11.30 -4.72 5.61
N PRO A 99 10.45 -4.40 6.62
CA PRO A 99 9.42 -3.36 6.40
C PRO A 99 9.99 -1.96 6.03
N GLY A 100 11.05 -1.55 6.72
CA GLY A 100 11.66 -0.25 6.48
C GLY A 100 12.52 -0.19 5.24
N LEU A 101 13.19 -1.28 4.93
CA LEU A 101 13.92 -1.36 3.67
C LEU A 101 12.98 -1.33 2.47
N TYR A 102 11.84 -2.01 2.59
CA TYR A 102 10.86 -2.02 1.52
C TYR A 102 10.27 -0.61 1.29
N GLU A 103 9.90 0.06 2.37
CA GLU A 103 9.47 1.46 2.33
C GLU A 103 10.47 2.36 1.58
N ALA A 104 11.77 2.14 1.82
CA ALA A 104 12.87 2.88 1.17
C ALA A 104 12.89 2.79 -0.36
N THR A 105 12.39 1.69 -0.90
CA THR A 105 12.37 1.45 -2.34
C THR A 105 11.41 2.37 -3.11
N PHE A 106 10.57 3.10 -2.37
CA PHE A 106 9.59 4.01 -2.98
C PHE A 106 10.10 5.43 -3.15
N LEU A 107 11.34 5.71 -2.73
CA LEU A 107 11.93 7.04 -2.96
C LEU A 107 11.79 7.51 -4.41
N ARG A 108 11.28 8.72 -4.60
CA ARG A 108 11.15 9.26 -5.94
C ARG A 108 12.51 9.76 -6.47
N ASP A 109 13.26 8.85 -7.11
CA ASP A 109 14.60 9.14 -7.62
C ASP A 109 14.87 8.23 -8.81
N GLU A 110 15.49 8.76 -9.87
CA GLU A 110 15.71 7.98 -11.10
C GLU A 110 16.59 6.76 -10.90
N GLU A 111 17.61 6.86 -10.05
CA GLU A 111 18.50 5.74 -9.79
C GLU A 111 17.76 4.60 -9.06
N VAL A 112 16.91 4.95 -8.09
CA VAL A 112 16.04 3.98 -7.38
C VAL A 112 15.05 3.30 -8.35
N ARG A 113 14.32 4.11 -9.12
CA ARG A 113 13.43 3.59 -10.17
C ARG A 113 14.18 2.67 -11.13
N LYS A 114 15.33 3.16 -11.60
CA LYS A 114 16.12 2.44 -12.57
C LYS A 114 16.50 1.06 -12.03
N ALA A 115 16.89 0.99 -10.76
CA ALA A 115 17.27 -0.30 -10.18
C ALA A 115 16.06 -1.23 -10.00
N GLY A 116 14.85 -0.66 -9.97
CA GLY A 116 13.62 -1.44 -9.88
C GLY A 116 13.10 -1.99 -11.22
N ASP A 117 13.74 -1.59 -12.33
CA ASP A 117 13.39 -2.10 -13.66
C ASP A 117 13.63 -3.61 -13.76
N GLY A 118 14.63 -4.10 -13.06
CA GLY A 118 14.97 -5.53 -13.05
C GLY A 118 13.84 -6.40 -12.53
N ILE A 119 13.08 -5.86 -11.58
CA ILE A 119 11.91 -6.55 -11.04
C ILE A 119 10.77 -6.55 -12.06
N VAL A 120 10.52 -5.39 -12.67
CA VAL A 120 9.48 -5.27 -13.69
C VAL A 120 9.79 -6.18 -14.89
N LYS A 121 11.08 -6.31 -15.21
CA LYS A 121 11.54 -7.15 -16.32
C LYS A 121 11.31 -8.62 -16.02
N LEU A 122 11.62 -9.03 -14.80
CA LEU A 122 11.36 -10.40 -14.34
C LEU A 122 9.87 -10.76 -14.40
N CYS A 123 9.02 -9.88 -13.89
CA CYS A 123 7.57 -10.10 -13.89
C CYS A 123 7.02 -10.19 -15.29
N LEU A 124 7.49 -9.30 -16.16
CA LEU A 124 7.08 -9.26 -17.56
C LEU A 124 7.42 -10.55 -18.29
N GLN A 125 8.61 -11.08 -18.04
CA GLN A 125 9.09 -12.35 -18.63
C GLN A 125 8.24 -13.56 -18.22
N VAL A 126 7.79 -13.59 -16.98
CA VAL A 126 6.91 -14.65 -16.54
C VAL A 126 5.51 -14.48 -17.15
N LEU A 127 5.02 -13.24 -17.20
CA LEU A 127 3.66 -12.96 -17.65
C LEU A 127 3.54 -13.19 -19.16
N GLN A 128 4.64 -13.03 -19.87
CA GLN A 128 4.68 -13.35 -21.30
C GLN A 128 4.55 -14.87 -21.58
N GLN A 129 4.83 -15.71 -20.58
CA GLN A 129 4.67 -17.16 -20.70
C GLN A 129 3.20 -17.55 -20.84
N TYR A 130 2.30 -16.68 -20.34
CA TYR A 130 0.86 -16.85 -20.53
C TYR A 130 0.39 -16.33 -21.89
N GLY A 131 1.34 -15.95 -22.74
CA GLY A 131 1.04 -15.43 -24.07
C GLY A 131 0.58 -13.97 -24.06
N LEU A 132 1.00 -13.23 -23.03
CA LEU A 132 0.69 -11.79 -22.96
C LEU A 132 1.80 -11.00 -23.64
N GLU A 133 1.40 -10.01 -24.43
CA GLU A 133 2.35 -9.30 -25.27
C GLU A 133 2.35 -7.78 -25.09
N GLY A 134 3.55 -7.20 -24.97
CA GLY A 134 3.74 -5.76 -25.04
C GLY A 134 2.97 -4.96 -24.02
N GLU A 135 2.07 -4.10 -24.50
CA GLU A 135 1.28 -3.18 -23.68
C GLU A 135 0.43 -3.92 -22.62
N ASN A 136 -0.39 -4.87 -23.05
CA ASN A 136 -1.22 -5.66 -22.14
CA ASN A 136 -1.22 -5.71 -22.16
C ASN A 136 -0.42 -6.47 -21.10
N ALA A 137 0.79 -6.87 -21.47
CA ALA A 137 1.70 -7.57 -20.56
C ALA A 137 2.19 -6.58 -19.52
N LEU A 138 2.37 -5.32 -19.95
CA LEU A 138 2.79 -4.23 -19.09
C LEU A 138 1.70 -3.85 -18.09
N HIS A 139 0.45 -3.82 -18.53
CA HIS A 139 -0.68 -3.61 -17.63
C HIS A 139 -0.70 -4.69 -16.56
N ALA A 140 -0.46 -5.94 -16.96
CA ALA A 140 -0.41 -7.06 -16.03
C ALA A 140 0.70 -6.99 -15.00
N THR A 141 1.84 -6.39 -15.35
CA THR A 141 2.91 -6.20 -14.37
C THR A 141 2.44 -5.30 -13.25
N ARG A 142 1.71 -4.23 -13.60
CA ARG A 142 1.16 -3.30 -12.61
C ARG A 142 0.20 -4.01 -11.70
N GLY A 143 -0.62 -4.88 -12.27
CA GLY A 143 -1.59 -5.67 -11.51
C GLY A 143 -0.96 -6.59 -10.50
N PHE A 144 0.10 -7.26 -10.92
CA PHE A 144 0.81 -8.19 -10.06
C PHE A 144 1.50 -7.44 -8.91
N ARG A 145 2.13 -6.32 -9.23
CA ARG A 145 2.75 -5.47 -8.20
C ARG A 145 1.72 -4.92 -7.25
N SER A 146 0.55 -4.57 -7.77
CA SER A 146 -0.53 -4.06 -6.92
C SER A 146 -0.99 -5.11 -5.95
N ILE A 147 -1.11 -6.34 -6.42
CA ILE A 147 -1.60 -7.45 -5.60
C ILE A 147 -0.65 -7.69 -4.43
N CYS A 148 0.65 -7.77 -4.77
CA CYS A 148 1.71 -8.06 -3.79
C CYS A 148 1.92 -6.94 -2.80
N HIS A 149 1.96 -5.72 -3.31
CA HIS A 149 2.10 -4.56 -2.45
C HIS A 149 0.90 -4.37 -1.52
N GLY A 150 -0.31 -4.51 -2.08
CA GLY A 150 -1.56 -4.30 -1.35
C GLY A 150 -1.76 -5.33 -0.27
N PHE A 151 -1.57 -6.60 -0.61
CA PHE A 151 -1.66 -7.67 0.39
C PHE A 151 -0.66 -7.47 1.55
N ALA A 152 0.61 -7.28 1.21
CA ALA A 152 1.66 -7.12 2.20
C ALA A 152 1.44 -5.87 3.08
N SER A 153 1.09 -4.76 2.45
CA SER A 153 0.82 -3.48 3.12
C SER A 153 -0.36 -3.55 4.10
N ILE A 154 -1.44 -4.22 3.71
CA ILE A 154 -2.57 -4.43 4.60
C ILE A 154 -2.19 -5.37 5.76
N GLU A 155 -1.49 -6.46 5.45
CA GLU A 155 -1.05 -7.42 6.50
C GLU A 155 -0.23 -6.74 7.58
N GLN A 156 0.74 -5.95 7.12
CA GLN A 156 1.64 -5.17 7.97
C GLN A 156 0.93 -4.16 8.88
N GLN A 157 -0.15 -3.56 8.38
CA GLN A 157 -0.92 -2.57 9.15
C GLN A 157 -1.89 -3.27 10.11
N GLY A 158 -2.00 -4.59 9.98
CA GLY A 158 -2.94 -5.39 10.76
C GLY A 158 -4.39 -5.35 10.28
N GLY A 159 -4.61 -5.10 8.99
CA GLY A 159 -5.95 -4.87 8.45
C GLY A 159 -6.74 -6.09 8.01
N PHE A 160 -6.14 -7.27 8.16
CA PHE A 160 -6.79 -8.53 7.85
C PHE A 160 -7.34 -9.20 9.13
N GLY A 161 -8.54 -8.79 9.55
CA GLY A 161 -9.12 -9.24 10.81
C GLY A 161 -9.80 -10.60 10.75
N LEU A 162 -10.26 -11.00 9.56
CA LEU A 162 -10.92 -12.29 9.35
C LEU A 162 -10.07 -13.46 9.85
N PRO A 163 -10.72 -14.49 10.45
CA PRO A 163 -9.98 -15.62 10.99
C PRO A 163 -9.66 -16.60 9.85
N LEU A 164 -9.04 -16.06 8.81
CA LEU A 164 -8.61 -16.81 7.66
C LEU A 164 -7.09 -16.88 7.67
N ASP A 165 -6.57 -18.00 7.20
CA ASP A 165 -5.14 -18.19 7.06
C ASP A 165 -4.59 -17.26 5.97
N LEU A 166 -3.64 -16.41 6.34
CA LEU A 166 -3.03 -15.44 5.42
C LEU A 166 -2.28 -16.05 4.25
N ASP A 167 -1.52 -17.14 4.46
CA ASP A 167 -0.87 -17.88 3.36
C ASP A 167 -1.89 -18.36 2.32
N ILE A 168 -3.03 -18.87 2.78
CA ILE A 168 -4.10 -19.32 1.87
C ILE A 168 -4.69 -18.13 1.09
N SER A 169 -5.09 -17.08 1.80
CA SER A 169 -5.68 -15.89 1.14
C SER A 169 -4.79 -15.33 0.03
N LEU A 170 -3.48 -15.23 0.31
CA LEU A 170 -2.56 -14.64 -0.66
C LEU A 170 -2.55 -15.49 -1.93
N HIS A 171 -2.50 -16.79 -1.76
CA HIS A 171 -2.32 -17.68 -2.91
C HIS A 171 -3.61 -17.95 -3.65
N VAL A 172 -4.75 -17.88 -2.94
CA VAL A 172 -6.08 -17.85 -3.57
C VAL A 172 -6.22 -16.60 -4.48
N LEU A 173 -5.82 -15.43 -3.98
CA LEU A 173 -5.72 -14.24 -4.81
C LEU A 173 -4.78 -14.47 -6.03
N LEU A 174 -3.58 -15.03 -5.80
CA LEU A 174 -2.70 -15.35 -6.90
C LEU A 174 -3.35 -16.30 -7.92
N GLU A 175 -4.04 -17.33 -7.43
CA GLU A 175 -4.79 -18.25 -8.32
C GLU A 175 -5.80 -17.51 -9.17
N THR A 176 -6.51 -16.57 -8.57
CA THR A 176 -7.59 -15.85 -9.25
C THR A 176 -7.03 -14.96 -10.35
N PHE A 177 -6.00 -14.21 -10.00
CA PHE A 177 -5.21 -13.43 -10.96
C PHE A 177 -4.74 -14.29 -12.15
N ILE A 178 -4.08 -15.42 -11.85
CA ILE A 178 -3.58 -16.33 -12.91
C ILE A 178 -4.73 -16.83 -13.80
N LYS A 179 -5.84 -17.27 -13.21
CA LYS A 179 -7.01 -17.68 -13.99
C LYS A 179 -7.50 -16.57 -14.92
N GLY A 180 -7.46 -15.33 -14.43
CA GLY A 180 -7.92 -14.17 -15.20
C GLY A 180 -7.01 -13.79 -16.36
N LEU A 181 -5.76 -14.19 -16.30
CA LEU A 181 -4.82 -14.04 -17.41
C LEU A 181 -5.13 -15.11 -18.47
N ARG A 182 -5.36 -16.34 -18.02
CA ARG A 182 -5.44 -17.55 -18.86
C ARG A 182 -6.67 -17.57 -19.78
N LEU B 8 -20.29 24.54 17.74
CA LEU B 8 -19.19 23.55 17.82
C LEU B 8 -19.73 22.17 18.21
N THR B 9 -19.45 21.19 17.36
CA THR B 9 -19.81 19.80 17.65
C THR B 9 -18.59 18.94 17.36
N LEU B 10 -18.60 17.70 17.84
CA LEU B 10 -17.61 16.71 17.45
C LEU B 10 -17.51 16.57 15.92
N GLN B 11 -18.64 16.65 15.22
CA GLN B 11 -18.66 16.54 13.77
C GLN B 11 -17.90 17.64 13.06
N LYS B 12 -18.11 18.88 13.48
CA LYS B 12 -17.40 20.03 12.91
C LYS B 12 -15.91 19.90 13.11
N ILE B 13 -15.53 19.46 14.30
CA ILE B 13 -14.13 19.29 14.67
C ILE B 13 -13.49 18.29 13.72
N VAL B 14 -14.18 17.16 13.54
CA VAL B 14 -13.71 16.07 12.71
C VAL B 14 -13.65 16.43 11.22
N GLU B 15 -14.63 17.19 10.72
CA GLU B 15 -14.64 17.68 9.33
C GLU B 15 -13.50 18.67 9.05
N THR B 16 -13.20 19.52 10.03
CA THR B 16 -12.03 20.37 10.00
C THR B 16 -10.72 19.55 9.99
N ALA B 17 -10.64 18.53 10.85
CA ALA B 17 -9.44 17.67 10.89
C ALA B 17 -9.21 17.06 9.53
N ALA B 18 -10.31 16.69 8.87
CA ALA B 18 -10.26 16.07 7.54
C ALA B 18 -9.66 17.00 6.47
N GLU B 19 -10.08 18.26 6.44
CA GLU B 19 -9.56 19.21 5.46
C GLU B 19 -8.09 19.56 5.71
N ILE B 20 -7.73 19.71 6.98
CA ILE B 20 -6.34 19.91 7.34
C ILE B 20 -5.50 18.74 6.87
N ALA B 21 -5.98 17.52 7.15
CA ALA B 21 -5.26 16.26 6.86
C ALA B 21 -4.98 16.06 5.38
N ASP B 22 -5.98 16.32 4.54
CA ASP B 22 -5.85 16.19 3.09
C ASP B 22 -4.92 17.23 2.48
N ALA B 23 -5.07 18.49 2.90
CA ALA B 23 -4.25 19.58 2.38
C ALA B 23 -2.81 19.54 2.88
N ASN B 24 -2.64 19.26 4.18
CA ASN B 24 -1.33 19.46 4.83
C ASN B 24 -0.64 18.21 5.38
N GLY B 25 -1.32 17.08 5.39
CA GLY B 25 -0.81 15.85 5.98
C GLY B 25 -1.50 15.63 7.32
N VAL B 26 -1.79 14.36 7.62
CA VAL B 26 -2.51 14.02 8.84
C VAL B 26 -1.69 14.40 10.10
N GLN B 27 -0.37 14.34 9.98
CA GLN B 27 0.53 14.74 11.07
C GLN B 27 0.44 16.25 11.43
N GLU B 28 -0.19 17.03 10.55
CA GLU B 28 -0.44 18.46 10.78
C GLU B 28 -1.71 18.72 11.59
N VAL B 29 -2.50 17.68 11.86
CA VAL B 29 -3.67 17.85 12.71
C VAL B 29 -3.24 17.99 14.18
N THR B 30 -3.48 19.17 14.75
CA THR B 30 -3.25 19.42 16.18
C THR B 30 -4.45 20.15 16.75
N LEU B 31 -4.64 20.13 18.07
CA LEU B 31 -5.71 20.93 18.70
C LEU B 31 -5.56 22.43 18.44
N ALA B 32 -4.34 22.93 18.47
CA ALA B 32 -4.05 24.34 18.14
C ALA B 32 -4.44 24.65 16.70
N SER B 33 -4.02 23.82 15.76
CA SER B 33 -4.42 24.06 14.36
C SER B 33 -5.94 23.97 14.18
N LEU B 34 -6.60 23.00 14.81
CA LEU B 34 -8.07 22.93 14.77
C LEU B 34 -8.78 24.15 15.35
N ALA B 35 -8.34 24.58 16.53
CA ALA B 35 -8.89 25.75 17.20
C ALA B 35 -8.65 26.98 16.36
N GLN B 36 -7.41 27.12 15.89
CA GLN B 36 -7.02 28.24 15.02
C GLN B 36 -7.96 28.31 13.80
N THR B 37 -8.16 27.17 13.14
CA THR B 37 -8.98 27.08 11.90
C THR B 37 -10.47 27.33 12.13
N LEU B 38 -11.01 26.83 13.24
CA LEU B 38 -12.41 27.00 13.59
C LEU B 38 -12.64 28.34 14.28
N GLY B 39 -11.56 29.12 14.43
CA GLY B 39 -11.59 30.40 15.15
C GLY B 39 -12.18 30.29 16.55
N VAL B 40 -11.73 29.30 17.32
CA VAL B 40 -12.25 29.11 18.67
C VAL B 40 -11.09 28.95 19.64
N ARG B 41 -11.33 29.17 20.93
CA ARG B 41 -10.33 28.89 21.97
C ARG B 41 -10.24 27.39 22.19
N SER B 42 -9.01 26.89 22.23
CA SER B 42 -8.74 25.44 22.32
C SER B 42 -9.37 24.68 23.50
N PRO B 43 -9.46 25.30 24.70
CA PRO B 43 -10.11 24.56 25.80
C PRO B 43 -11.52 24.08 25.47
N SER B 44 -12.24 24.80 24.62
CA SER B 44 -13.61 24.42 24.28
C SER B 44 -13.66 23.12 23.47
N LEU B 45 -12.55 22.75 22.83
CA LEU B 45 -12.46 21.47 22.11
C LEU B 45 -12.69 20.30 23.05
N TYR B 46 -12.26 20.44 24.30
CA TYR B 46 -12.38 19.37 25.31
C TYR B 46 -13.81 19.07 25.80
N ASN B 47 -14.79 19.89 25.40
CA ASN B 47 -16.18 19.50 25.61
C ASN B 47 -16.57 18.34 24.67
N HIS B 48 -15.76 18.13 23.62
CA HIS B 48 -16.08 17.16 22.55
C HIS B 48 -15.05 16.06 22.34
N VAL B 49 -13.76 16.37 22.55
CA VAL B 49 -12.67 15.41 22.36
C VAL B 49 -11.82 15.33 23.66
N LYS B 50 -11.13 14.22 23.89
CA LYS B 50 -10.29 14.10 25.08
C LYS B 50 -8.87 14.58 24.80
N GLY B 51 -8.60 14.87 23.54
CA GLY B 51 -7.25 15.24 23.13
C GLY B 51 -6.95 14.77 21.73
N LEU B 52 -5.69 14.89 21.34
CA LEU B 52 -5.29 14.70 19.94
C LEU B 52 -5.48 13.26 19.44
N GLN B 53 -5.14 12.29 20.28
CA GLN B 53 -5.36 10.89 19.97
C GLN B 53 -6.84 10.59 19.74
N ASP B 54 -7.71 11.18 20.56
CA ASP B 54 -9.16 11.06 20.41
C ASP B 54 -9.61 11.69 19.09
N VAL B 55 -9.02 12.82 18.71
CA VAL B 55 -9.31 13.43 17.42
C VAL B 55 -8.93 12.47 16.28
N ARG B 56 -7.73 11.91 16.34
CA ARG B 56 -7.25 10.95 15.32
C ARG B 56 -8.16 9.72 15.20
N LYS B 57 -8.64 9.21 16.33
CA LYS B 57 -9.61 8.11 16.33
C LYS B 57 -10.87 8.47 15.57
N ASN B 58 -11.47 9.61 15.95
CA ASN B 58 -12.69 10.03 15.32
C ASN B 58 -12.52 10.35 13.83
N LEU B 59 -11.39 10.94 13.48
CA LEU B 59 -11.02 11.20 12.09
C LEU B 59 -10.94 9.89 11.28
N GLY B 60 -10.38 8.85 11.88
CA GLY B 60 -10.31 7.51 11.25
C GLY B 60 -11.66 6.89 11.00
N ILE B 61 -12.56 7.00 11.97
CA ILE B 61 -13.93 6.52 11.85
C ILE B 61 -14.69 7.32 10.79
N TYR B 62 -14.49 8.63 10.79
CA TYR B 62 -15.13 9.51 9.82
C TYR B 62 -14.65 9.17 8.39
N GLY B 63 -13.37 8.85 8.28
CA GLY B 63 -12.76 8.59 6.98
C GLY B 63 -13.30 7.33 6.36
N ILE B 64 -13.38 6.29 7.18
CA ILE B 64 -13.80 5.00 6.71
C ILE B 64 -15.31 4.97 6.40
N LYS B 65 -16.10 5.75 7.13
CA LYS B 65 -17.52 5.94 6.83
C LYS B 65 -17.75 6.70 5.53
N LYS B 66 -16.92 7.71 5.28
CA LYS B 66 -17.00 8.44 4.03
C LYS B 66 -16.59 7.57 2.82
N LEU B 67 -15.53 6.76 2.98
CA LEU B 67 -15.18 5.74 1.98
C LEU B 67 -16.34 4.80 1.72
N HIS B 68 -16.90 4.22 2.79
CA HIS B 68 -18.04 3.31 2.70
C HIS B 68 -19.21 3.94 1.91
N ASN B 69 -19.50 5.21 2.20
CA ASN B 69 -20.54 5.96 1.50
C ASN B 69 -20.28 6.08 0.00
N ARG B 70 -19.04 6.43 -0.36
CA ARG B 70 -18.66 6.46 -1.77
C ARG B 70 -18.87 5.10 -2.44
N LEU B 71 -18.46 4.03 -1.75
CA LEU B 71 -18.55 2.66 -2.28
C LEU B 71 -19.99 2.19 -2.45
N GLU B 72 -20.84 2.47 -1.46
CA GLU B 72 -22.28 2.19 -1.54
C GLU B 72 -22.93 2.93 -2.72
N GLU B 73 -22.58 4.20 -2.88
CA GLU B 73 -23.09 5.04 -3.96
C GLU B 73 -22.71 4.48 -5.33
N ALA B 74 -21.42 4.17 -5.50
CA ALA B 74 -20.88 3.62 -6.74
C ALA B 74 -21.53 2.30 -7.15
N ALA B 75 -21.76 1.43 -6.17
CA ALA B 75 -22.28 0.09 -6.44
C ALA B 75 -23.81 0.05 -6.55
N GLU B 76 -24.47 1.18 -6.28
CA GLU B 76 -25.94 1.22 -6.21
C GLU B 76 -26.57 0.86 -7.54
N ASP B 77 -27.48 -0.11 -7.50
CA ASP B 77 -28.17 -0.67 -8.67
C ASP B 77 -27.22 -1.23 -9.76
N LYS B 78 -26.04 -1.68 -9.32
CA LYS B 78 -25.15 -2.42 -10.20
C LYS B 78 -24.99 -3.82 -9.64
N ARG B 79 -24.77 -4.78 -10.51
CA ARG B 79 -24.49 -6.14 -10.07
C ARG B 79 -23.16 -6.56 -10.66
N MSE B 80 -22.59 -7.63 -10.08
CA MSE B 80 -21.44 -8.34 -10.61
C MSE B 80 -20.34 -7.44 -11.20
O MSE B 80 -19.81 -6.60 -10.49
CB MSE B 80 -21.87 -9.42 -11.64
CG MSE B 80 -22.93 -10.40 -11.11
SE MSE B 80 -23.16 -11.89 -12.11
CE MSE B 80 -21.72 -12.81 -11.60
N ASP B 81 -20.03 -7.61 -12.49
CA ASP B 81 -18.87 -6.96 -13.10
C ASP B 81 -18.91 -5.44 -13.02
N GLU B 82 -20.08 -4.88 -13.28
CA GLU B 82 -20.25 -3.44 -13.25
C GLU B 82 -20.09 -2.92 -11.83
N ALA B 83 -20.64 -3.63 -10.85
CA ALA B 83 -20.45 -3.28 -9.44
C ALA B 83 -18.96 -3.34 -9.03
N ILE B 84 -18.27 -4.43 -9.35
CA ILE B 84 -16.83 -4.55 -9.03
C ILE B 84 -16.00 -3.40 -9.63
N HIS B 85 -16.20 -3.13 -10.91
CA HIS B 85 -15.53 -1.99 -11.55
C HIS B 85 -15.84 -0.66 -10.90
N ALA B 86 -17.10 -0.42 -10.56
CA ALA B 86 -17.46 0.85 -9.96
C ALA B 86 -16.94 0.95 -8.53
N LEU B 87 -16.93 -0.16 -7.80
CA LEU B 87 -16.32 -0.19 -6.46
C LEU B 87 -14.80 0.12 -6.47
N GLY B 88 -14.06 -0.58 -7.32
CA GLY B 88 -12.62 -0.35 -7.43
C GLY B 88 -12.32 1.08 -7.87
N GLU B 89 -13.05 1.58 -8.87
CA GLU B 89 -12.86 2.94 -9.37
C GLU B 89 -13.10 3.99 -8.26
N ALA B 90 -14.19 3.82 -7.52
CA ALA B 90 -14.50 4.72 -6.42
C ALA B 90 -13.52 4.60 -5.27
N TYR B 91 -13.01 3.40 -4.99
CA TYR B 91 -12.00 3.23 -3.97
C TYR B 91 -10.76 4.10 -4.27
N VAL B 92 -10.25 3.95 -5.49
CA VAL B 92 -9.05 4.61 -5.93
C VAL B 92 -9.28 6.13 -6.03
N ALA B 93 -10.47 6.54 -6.47
CA ALA B 93 -10.79 7.97 -6.53
C ALA B 93 -10.79 8.59 -5.13
N PHE B 94 -11.30 7.85 -4.16
CA PHE B 94 -11.28 8.31 -2.78
C PHE B 94 -9.86 8.56 -2.28
N VAL B 95 -8.95 7.61 -2.56
CA VAL B 95 -7.56 7.72 -2.10
C VAL B 95 -6.88 8.91 -2.79
N ARG B 96 -7.17 9.09 -4.08
CA ARG B 96 -6.64 10.23 -4.86
C ARG B 96 -7.02 11.60 -4.31
N LYS B 97 -8.29 11.78 -3.97
CA LYS B 97 -8.73 13.08 -3.48
C LYS B 97 -8.65 13.30 -1.97
N HIS B 98 -8.64 12.21 -1.20
CA HIS B 98 -8.54 12.28 0.25
C HIS B 98 -7.34 11.49 0.82
N PRO B 99 -6.11 11.89 0.47
CA PRO B 99 -4.98 11.11 1.00
C PRO B 99 -4.85 11.09 2.54
N GLY B 100 -5.14 12.21 3.18
CA GLY B 100 -5.00 12.33 4.65
C GLY B 100 -6.10 11.62 5.41
N LEU B 101 -7.33 11.79 4.95
CA LEU B 101 -8.43 11.03 5.46
C LEU B 101 -8.20 9.50 5.30
N TYR B 102 -7.72 9.07 4.12
CA TYR B 102 -7.45 7.66 3.90
C TYR B 102 -6.36 7.14 4.84
N GLU B 103 -5.26 7.88 4.93
CA GLU B 103 -4.20 7.53 5.86
C GLU B 103 -4.70 7.36 7.31
N ALA B 104 -5.64 8.19 7.71
CA ALA B 104 -6.23 8.15 9.08
C ALA B 104 -7.03 6.87 9.40
N THR B 105 -7.54 6.21 8.37
CA THR B 105 -8.31 4.96 8.51
C THR B 105 -7.43 3.79 8.96
N PHE B 106 -6.12 4.00 8.91
CA PHE B 106 -5.15 2.97 9.29
C PHE B 106 -4.61 3.14 10.71
N LEU B 107 -5.22 4.04 11.47
CA LEU B 107 -4.95 4.09 12.91
C LEU B 107 -5.20 2.72 13.54
N ARG B 108 -4.21 2.21 14.28
CA ARG B 108 -4.32 0.94 14.99
C ARG B 108 -5.24 1.03 16.20
N ASP B 109 -6.52 1.22 15.93
CA ASP B 109 -7.53 1.42 16.97
C ASP B 109 -8.75 0.60 16.63
N GLU B 110 -9.27 -0.10 17.61
CA GLU B 110 -10.32 -1.10 17.39
C GLU B 110 -11.66 -0.52 16.93
N GLU B 111 -11.95 0.71 17.34
CA GLU B 111 -13.15 1.44 16.87
C GLU B 111 -13.02 1.88 15.40
N VAL B 112 -11.81 2.29 15.00
CA VAL B 112 -11.52 2.63 13.60
C VAL B 112 -11.73 1.39 12.73
N ARG B 113 -11.12 0.30 13.15
CA ARG B 113 -11.26 -0.99 12.48
C ARG B 113 -12.71 -1.41 12.30
N LYS B 114 -13.49 -1.42 13.38
CA LYS B 114 -14.89 -1.86 13.35
C LYS B 114 -15.81 -1.02 12.48
N ALA B 115 -15.48 0.26 12.35
CA ALA B 115 -16.27 1.16 11.51
C ALA B 115 -16.11 0.82 10.01
N GLY B 116 -15.08 0.03 9.68
CA GLY B 116 -14.85 -0.47 8.31
C GLY B 116 -15.64 -1.72 7.92
N ASP B 117 -16.39 -2.27 8.87
CA ASP B 117 -17.14 -3.52 8.69
C ASP B 117 -18.21 -3.45 7.59
N GLY B 118 -18.86 -2.30 7.45
CA GLY B 118 -19.82 -2.06 6.36
C GLY B 118 -19.20 -2.21 4.97
N ILE B 119 -17.90 -1.95 4.87
CA ILE B 119 -17.16 -2.09 3.61
C ILE B 119 -16.90 -3.58 3.26
N VAL B 120 -16.42 -4.35 4.24
CA VAL B 120 -16.30 -5.80 4.10
C VAL B 120 -17.64 -6.47 3.75
N LYS B 121 -18.75 -6.02 4.34
CA LYS B 121 -20.08 -6.58 4.08
C LYS B 121 -20.56 -6.29 2.66
N LEU B 122 -20.35 -5.05 2.22
CA LEU B 122 -20.73 -4.64 0.88
C LEU B 122 -19.97 -5.48 -0.18
N CYS B 123 -18.65 -5.56 -0.05
CA CYS B 123 -17.79 -6.41 -0.89
C CYS B 123 -18.24 -7.87 -0.91
N LEU B 124 -18.49 -8.44 0.26
CA LEU B 124 -18.91 -9.82 0.39
C LEU B 124 -20.25 -10.05 -0.31
N GLN B 125 -21.19 -9.14 -0.13
CA GLN B 125 -22.50 -9.15 -0.81
C GLN B 125 -22.42 -9.15 -2.35
N VAL B 126 -21.57 -8.29 -2.91
CA VAL B 126 -21.34 -8.26 -4.35
C VAL B 126 -20.64 -9.54 -4.79
N LEU B 127 -19.70 -10.04 -3.99
CA LEU B 127 -18.89 -11.21 -4.38
C LEU B 127 -19.68 -12.53 -4.32
N GLN B 128 -20.69 -12.59 -3.46
CA GLN B 128 -21.55 -13.77 -3.39
C GLN B 128 -22.40 -13.97 -4.67
N GLN B 129 -22.57 -12.90 -5.46
CA GLN B 129 -23.22 -12.98 -6.78
C GLN B 129 -22.41 -13.84 -7.76
N TYR B 130 -21.14 -14.09 -7.44
CA TYR B 130 -20.30 -14.93 -8.28
C TYR B 130 -20.40 -16.42 -7.99
N GLY B 131 -21.16 -16.80 -6.95
CA GLY B 131 -21.45 -18.23 -6.66
C GLY B 131 -20.21 -19.06 -6.40
N LEU B 132 -19.54 -18.76 -5.29
CA LEU B 132 -18.20 -19.28 -4.98
C LEU B 132 -18.24 -20.39 -3.92
N GLU B 133 -17.22 -21.24 -3.92
CA GLU B 133 -17.16 -22.39 -3.00
C GLU B 133 -16.53 -22.06 -1.62
N GLY B 134 -16.97 -22.79 -0.59
CA GLY B 134 -16.42 -22.70 0.78
C GLY B 134 -16.12 -21.31 1.35
N GLU B 135 -14.82 -21.07 1.57
CA GLU B 135 -14.35 -19.79 2.09
C GLU B 135 -13.96 -18.81 0.99
N ASN B 136 -14.15 -19.19 -0.27
CA ASN B 136 -13.65 -18.37 -1.40
C ASN B 136 -14.24 -16.96 -1.50
N ALA B 137 -15.48 -16.79 -1.02
CA ALA B 137 -16.09 -15.45 -0.89
C ALA B 137 -15.31 -14.58 0.08
N LEU B 138 -14.88 -15.21 1.17
CA LEU B 138 -14.16 -14.54 2.23
C LEU B 138 -12.71 -14.18 1.83
N HIS B 139 -12.06 -15.07 1.09
CA HIS B 139 -10.71 -14.78 0.57
C HIS B 139 -10.80 -13.67 -0.45
N ALA B 140 -11.89 -13.66 -1.21
CA ALA B 140 -12.09 -12.70 -2.27
C ALA B 140 -12.22 -11.24 -1.79
N THR B 141 -12.80 -11.05 -0.61
CA THR B 141 -12.83 -9.72 0.00
C THR B 141 -11.42 -9.22 0.34
N ARG B 142 -10.55 -10.12 0.83
CA ARG B 142 -9.14 -9.74 1.10
C ARG B 142 -8.45 -9.42 -0.22
N GLY B 143 -8.71 -10.25 -1.21
CA GLY B 143 -8.27 -10.06 -2.58
C GLY B 143 -8.67 -8.72 -3.19
N PHE B 144 -9.95 -8.41 -3.13
CA PHE B 144 -10.46 -7.14 -3.64
C PHE B 144 -9.87 -5.95 -2.90
N ARG B 145 -9.87 -6.01 -1.56
CA ARG B 145 -9.21 -4.95 -0.77
C ARG B 145 -7.72 -4.79 -1.09
N SER B 146 -7.02 -5.90 -1.29
CA SER B 146 -5.59 -5.86 -1.60
C SER B 146 -5.34 -5.17 -2.93
N ILE B 147 -6.20 -5.44 -3.90
CA ILE B 147 -6.06 -4.88 -5.23
C ILE B 147 -6.22 -3.37 -5.19
N CYS B 148 -7.30 -2.91 -4.56
CA CYS B 148 -7.63 -1.49 -4.49
C CYS B 148 -6.61 -0.69 -3.67
N HIS B 149 -6.28 -1.16 -2.47
CA HIS B 149 -5.25 -0.52 -1.66
C HIS B 149 -3.91 -0.59 -2.38
N GLY B 150 -3.55 -1.77 -2.90
CA GLY B 150 -2.31 -1.91 -3.63
C GLY B 150 -2.10 -0.92 -4.76
N PHE B 151 -3.06 -0.88 -5.68
CA PHE B 151 -3.02 0.05 -6.80
C PHE B 151 -2.97 1.51 -6.32
N ALA B 152 -3.88 1.89 -5.42
CA ALA B 152 -3.95 3.27 -4.98
C ALA B 152 -2.66 3.70 -4.25
N SER B 153 -2.09 2.78 -3.48
CA SER B 153 -0.91 3.11 -2.72
C SER B 153 0.36 3.28 -3.59
N ILE B 154 0.55 2.39 -4.56
CA ILE B 154 1.69 2.54 -5.48
C ILE B 154 1.58 3.85 -6.26
N GLU B 155 0.39 4.10 -6.81
CA GLU B 155 0.09 5.29 -7.60
C GLU B 155 0.37 6.57 -6.80
N GLN B 156 -0.14 6.63 -5.58
CA GLN B 156 0.11 7.73 -4.66
C GLN B 156 1.60 7.99 -4.39
N GLN B 157 2.40 6.92 -4.28
CA GLN B 157 3.84 7.06 -4.00
C GLN B 157 4.71 7.19 -5.24
N GLY B 158 4.09 7.25 -6.42
CA GLY B 158 4.80 7.51 -7.67
C GLY B 158 5.47 6.28 -8.30
N GLY B 159 5.07 5.10 -7.83
CA GLY B 159 5.68 3.84 -8.27
C GLY B 159 5.24 3.29 -9.62
N PHE B 160 4.26 3.93 -10.24
CA PHE B 160 3.84 3.54 -11.56
C PHE B 160 4.51 4.48 -12.55
N GLY B 161 5.78 4.18 -12.85
CA GLY B 161 6.57 5.01 -13.75
C GLY B 161 6.26 4.89 -15.23
N LEU B 162 5.74 3.73 -15.67
CA LEU B 162 5.47 3.49 -17.09
C LEU B 162 4.50 4.51 -17.68
N PRO B 163 4.67 4.87 -18.97
CA PRO B 163 3.81 5.87 -19.62
C PRO B 163 2.32 5.53 -19.68
N LEU B 164 1.97 4.25 -19.48
CA LEU B 164 0.60 3.76 -19.67
C LEU B 164 -0.43 4.46 -18.79
N ASP B 165 -1.62 4.62 -19.35
CA ASP B 165 -2.73 5.28 -18.67
C ASP B 165 -3.09 4.46 -17.42
N LEU B 166 -3.18 5.14 -16.27
CA LEU B 166 -3.46 4.47 -15.02
C LEU B 166 -4.90 4.02 -14.88
N ASP B 167 -5.84 4.78 -15.44
CA ASP B 167 -7.25 4.39 -15.36
C ASP B 167 -7.50 3.11 -16.14
N ILE B 168 -6.87 3.00 -17.32
CA ILE B 168 -6.84 1.75 -18.08
C ILE B 168 -6.22 0.61 -17.27
N SER B 169 -5.05 0.84 -16.67
CA SER B 169 -4.40 -0.18 -15.84
C SER B 169 -5.31 -0.71 -14.72
N LEU B 170 -5.96 0.19 -14.02
CA LEU B 170 -6.89 -0.20 -12.95
C LEU B 170 -8.04 -1.08 -13.53
N HIS B 171 -8.66 -0.61 -14.61
CA HIS B 171 -9.70 -1.39 -15.30
C HIS B 171 -9.21 -2.80 -15.69
N VAL B 172 -7.99 -2.91 -16.23
CA VAL B 172 -7.41 -4.20 -16.64
C VAL B 172 -7.25 -5.14 -15.43
N LEU B 173 -6.74 -4.59 -14.33
CA LEU B 173 -6.55 -5.34 -13.09
C LEU B 173 -7.88 -5.84 -12.56
N LEU B 174 -8.89 -4.98 -12.51
CA LEU B 174 -10.21 -5.38 -12.03
C LEU B 174 -10.85 -6.44 -12.92
N GLU B 175 -10.70 -6.29 -14.25
CA GLU B 175 -11.23 -7.27 -15.20
C GLU B 175 -10.57 -8.64 -15.06
N THR B 176 -9.26 -8.66 -14.92
CA THR B 176 -8.51 -9.89 -14.65
C THR B 176 -9.01 -10.60 -13.38
N PHE B 177 -9.26 -9.85 -12.33
CA PHE B 177 -9.78 -10.37 -11.06
C PHE B 177 -11.15 -11.01 -11.36
N ILE B 178 -12.04 -10.23 -11.99
CA ILE B 178 -13.41 -10.68 -12.34
C ILE B 178 -13.37 -11.95 -13.17
N LYS B 179 -12.55 -11.96 -14.23
CA LYS B 179 -12.40 -13.14 -15.09
C LYS B 179 -11.99 -14.37 -14.28
N GLY B 180 -11.03 -14.22 -13.38
CA GLY B 180 -10.63 -15.29 -12.49
C GLY B 180 -11.73 -15.75 -11.54
N LEU B 181 -12.65 -14.84 -11.17
CA LEU B 181 -13.80 -15.21 -10.31
C LEU B 181 -14.86 -16.02 -11.07
N ARG B 182 -15.05 -15.67 -12.35
CA ARG B 182 -16.02 -16.33 -13.22
C ARG B 182 -15.58 -17.74 -13.65
N GLU B 183 -14.27 -17.95 -13.75
CA GLU B 183 -13.59 -19.29 -13.68
C GLU B 183 -12.09 -19.23 -13.95
#